data_4NFO
#
_entry.id   4NFO
#
_cell.length_a   74.980
_cell.length_b   43.080
_cell.length_c   48.760
_cell.angle_alpha   90.00
_cell.angle_beta   120.98
_cell.angle_gamma   90.00
#
_symmetry.space_group_name_H-M   'C 1 2 1'
#
loop_
_entity.id
_entity.type
_entity.pdbx_description
1 polymer GCAGACUUAAGUCUGC
2 non-polymer SPERMINE
3 water water
#
_entity_poly.entity_id   1
_entity_poly.type   'polyribonucleotide'
_entity_poly.pdbx_seq_one_letter_code
;GCAGACUUAAGUCUGC
;
_entity_poly.pdbx_strand_id   A,B,C
#
loop_
_chem_comp.id
_chem_comp.type
_chem_comp.name
_chem_comp.formula
A RNA linking ADENOSINE-5'-MONOPHOSPHATE 'C10 H14 N5 O7 P'
C RNA linking CYTIDINE-5'-MONOPHOSPHATE 'C9 H14 N3 O8 P'
G RNA linking GUANOSINE-5'-MONOPHOSPHATE 'C10 H14 N5 O8 P'
SPM non-polymer SPERMINE 'C10 H26 N4'
U RNA linking URIDINE-5'-MONOPHOSPHATE 'C9 H13 N2 O9 P'
#
# COMPACT_ATOMS: atom_id res chain seq x y z
N1 SPM D . 2.36 2.78 -1.95
C2 SPM D . 1.06 2.27 -1.58
C3 SPM D . -0.11 3.10 -2.16
C4 SPM D . -1.43 3.03 -1.39
N5 SPM D . -2.41 1.94 -1.60
C6 SPM D . -2.07 0.57 -2.09
C7 SPM D . -2.39 -0.74 -1.29
C8 SPM D . -1.10 -1.22 -0.65
C9 SPM D . -0.06 -0.19 -0.15
N10 SPM D . 0.53 -0.46 1.16
C11 SPM D . 0.37 -1.77 1.77
C12 SPM D . 1.21 -1.99 2.97
C13 SPM D . 1.59 -3.49 2.90
N14 SPM D . 2.45 -3.82 4.07
#